data_2RTK
#
_entry.id   2RTK
#
_cell.length_a   58.200
_cell.length_b   58.200
_cell.length_c   176.660
_cell.angle_alpha   90.00
_cell.angle_beta   90.00
_cell.angle_gamma   90.00
#
_symmetry.space_group_name_H-M   'I 41 2 2'
#
loop_
_entity.id
_entity.type
_entity.pdbx_description
1 polymer STREPTAVIDIN
2 non-polymer 'ACETATE ION'
3 non-polymer 'SULFATE ION'
4 non-polymer GLYCOLURIL
5 water water
#
_entity_poly.entity_id   1
_entity_poly.type   'polypeptide(L)'
_entity_poly.pdbx_seq_one_letter_code
;DPSKDSKAQVSAAEAGITGTWYNQLGSTFIVTAGADGALTGTYESAVGNAESRYVLTGRYDSAPATDGSGTALGWTVAWK
NNYRNAHSATTWSGQYVGGAEARINTQWLLTSGTTEANAWKSTLVGHDTFTKVKP
;
_entity_poly.pdbx_strand_id   A
#
loop_
_chem_comp.id
_chem_comp.type
_chem_comp.name
_chem_comp.formula
ACT non-polymer 'ACETATE ION' 'C2 H3 O2 -1'
GLL non-polymer GLYCOLURIL 'C4 H6 N4 O2'
SO4 non-polymer 'SULFATE ION' 'O4 S -2'
#
# COMPACT_ATOMS: atom_id res chain seq x y z
N ALA A 13 -4.30 -12.07 8.47
CA ALA A 13 -4.12 -10.58 8.39
C ALA A 13 -2.87 -10.29 9.21
N GLU A 14 -2.76 -9.09 9.75
CA GLU A 14 -1.61 -8.59 10.59
C GLU A 14 -0.30 -9.37 10.42
N ALA A 15 -0.23 -10.56 10.93
CA ALA A 15 1.03 -11.34 10.78
C ALA A 15 1.22 -11.51 9.27
N GLY A 16 0.25 -12.11 8.66
CA GLY A 16 0.31 -12.35 7.19
C GLY A 16 0.72 -11.14 6.34
N ILE A 17 0.44 -9.97 6.87
CA ILE A 17 0.75 -8.69 6.18
C ILE A 17 2.21 -8.24 6.34
N THR A 18 2.75 -8.53 7.48
CA THR A 18 4.13 -8.16 7.82
C THR A 18 5.09 -8.85 6.87
N GLY A 19 6.10 -8.15 6.40
CA GLY A 19 7.06 -8.75 5.47
C GLY A 19 7.35 -7.87 4.30
N THR A 20 7.94 -8.49 3.30
CA THR A 20 8.31 -7.79 2.05
C THR A 20 7.39 -8.17 0.90
N TRP A 21 6.87 -7.20 0.20
CA TRP A 21 5.99 -7.48 -0.92
C TRP A 21 6.56 -6.78 -2.14
N TYR A 22 6.23 -7.31 -3.27
CA TYR A 22 6.71 -6.77 -4.59
C TYR A 22 5.50 -6.63 -5.55
N ASN A 23 5.54 -5.69 -6.49
CA ASN A 23 4.36 -5.60 -7.42
C ASN A 23 4.83 -5.82 -8.82
N GLN A 24 3.90 -5.67 -9.69
CA GLN A 24 4.08 -5.86 -11.17
C GLN A 24 5.22 -4.85 -11.84
N LEU A 25 5.39 -3.75 -11.19
CA LEU A 25 6.33 -2.74 -11.78
C LEU A 25 7.72 -3.00 -11.25
N GLY A 26 7.78 -3.69 -10.15
CA GLY A 26 9.11 -3.98 -9.59
C GLY A 26 9.33 -3.16 -8.33
N SER A 27 8.30 -2.58 -7.78
CA SER A 27 8.54 -1.80 -6.55
C SER A 27 8.59 -2.76 -5.39
N THR A 28 9.03 -2.32 -4.28
CA THR A 28 9.11 -3.19 -3.09
C THR A 28 8.70 -2.39 -1.89
N PHE A 29 8.04 -3.04 -0.95
CA PHE A 29 7.67 -2.26 0.25
C PHE A 29 7.80 -3.28 1.35
N ILE A 30 8.29 -2.82 2.45
CA ILE A 30 8.47 -3.74 3.63
C ILE A 30 7.56 -3.06 4.65
N VAL A 31 6.68 -3.82 5.23
CA VAL A 31 5.74 -3.26 6.23
C VAL A 31 5.61 -4.13 7.43
N THR A 32 5.23 -3.50 8.51
CA THR A 32 5.02 -4.18 9.82
C THR A 32 3.58 -3.79 10.21
N ALA A 33 2.79 -4.80 10.46
CA ALA A 33 1.37 -4.61 10.85
C ALA A 33 1.35 -4.76 12.38
N GLY A 34 1.12 -3.65 13.04
CA GLY A 34 1.09 -3.65 14.52
C GLY A 34 -0.30 -4.06 15.00
N ALA A 35 -0.27 -4.67 16.16
CA ALA A 35 -1.47 -5.18 16.88
C ALA A 35 -2.75 -4.37 16.78
N ASP A 36 -2.65 -3.08 16.89
CA ASP A 36 -3.90 -2.29 16.81
C ASP A 36 -4.25 -1.59 15.49
N GLY A 37 -4.02 -2.23 14.39
CA GLY A 37 -4.38 -1.57 13.11
C GLY A 37 -3.39 -0.64 12.45
N ALA A 38 -2.17 -0.55 12.92
CA ALA A 38 -1.19 0.38 12.24
C ALA A 38 -0.28 -0.41 11.29
N LEU A 39 0.12 0.27 10.25
CA LEU A 39 1.02 -0.29 9.20
C LEU A 39 2.20 0.71 9.16
N THR A 40 3.42 0.30 9.24
CA THR A 40 4.59 1.27 9.17
C THR A 40 5.67 0.60 8.30
N GLY A 41 6.50 1.33 7.56
CA GLY A 41 7.54 0.67 6.70
C GLY A 41 8.14 1.62 5.67
N THR A 42 8.70 1.03 4.65
CA THR A 42 9.32 1.84 3.58
C THR A 42 8.89 1.32 2.22
N TYR A 43 8.88 2.23 1.25
CA TYR A 43 8.47 1.92 -0.14
C TYR A 43 9.62 2.33 -1.04
N GLU A 44 9.97 1.50 -1.98
CA GLU A 44 11.09 1.85 -2.89
C GLU A 44 10.42 1.63 -4.26
N SER A 45 10.22 2.68 -5.05
CA SER A 45 9.56 2.55 -6.39
C SER A 45 10.59 2.30 -7.47
N ALA A 46 10.09 1.70 -8.51
CA ALA A 46 10.91 1.34 -9.68
C ALA A 46 10.68 2.34 -10.78
N VAL A 47 9.52 2.93 -10.79
CA VAL A 47 9.21 3.92 -11.85
C VAL A 47 8.94 5.21 -11.14
N GLY A 48 8.80 6.23 -11.94
CA GLY A 48 8.51 7.57 -11.38
C GLY A 48 9.64 8.52 -11.14
N ASN A 49 9.29 9.47 -10.35
CA ASN A 49 10.19 10.57 -9.93
C ASN A 49 10.39 10.24 -8.48
N ALA A 50 10.97 9.09 -8.28
CA ALA A 50 11.27 8.56 -6.92
C ALA A 50 12.68 8.00 -6.99
N GLU A 51 13.37 7.97 -5.89
CA GLU A 51 14.74 7.44 -5.88
C GLU A 51 15.17 7.03 -4.48
N SER A 52 15.23 5.77 -4.26
CA SER A 52 15.65 5.15 -2.98
C SER A 52 14.36 4.75 -2.23
N ARG A 53 14.41 4.84 -0.93
CA ARG A 53 13.29 4.47 -0.09
C ARG A 53 12.62 5.70 0.48
N TYR A 54 11.34 5.55 0.63
CA TYR A 54 10.45 6.60 1.18
C TYR A 54 9.73 5.91 2.35
N VAL A 55 9.34 6.72 3.26
CA VAL A 55 8.61 6.28 4.49
C VAL A 55 7.10 6.05 4.13
N LEU A 56 6.48 5.01 4.67
CA LEU A 56 5.01 4.76 4.40
C LEU A 56 4.35 4.49 5.81
N THR A 57 3.14 4.94 5.98
CA THR A 57 2.38 4.75 7.24
C THR A 57 0.93 4.46 6.78
N GLY A 58 0.19 3.68 7.49
CA GLY A 58 -1.18 3.38 7.04
C GLY A 58 -1.95 2.63 8.11
N ARG A 59 -3.08 2.10 7.70
CA ARG A 59 -3.93 1.33 8.66
C ARG A 59 -4.65 0.09 8.04
N TYR A 60 -5.02 -0.86 8.87
N TYR A 60 -5.01 -0.85 8.87
CA TYR A 60 -5.73 -2.05 8.30
CA TYR A 60 -5.70 -2.05 8.33
C TYR A 60 -6.93 -2.30 9.27
C TYR A 60 -6.81 -2.40 9.33
N ASP A 61 -7.94 -2.94 8.76
N ASP A 61 -7.65 -3.29 8.91
CA ASP A 61 -9.19 -3.24 9.56
CA ASP A 61 -8.78 -3.74 9.78
C ASP A 61 -9.22 -4.76 9.81
C ASP A 61 -8.13 -4.85 10.60
N SER A 62 -8.80 -5.16 10.98
N SER A 62 -7.87 -4.59 11.85
CA SER A 62 -8.81 -6.62 11.25
CA SER A 62 -7.22 -5.64 12.69
C SER A 62 -10.16 -7.05 11.85
C SER A 62 -8.18 -6.75 13.04
N ALA A 63 -10.59 -8.20 11.46
N ALA A 63 -9.43 -6.50 12.84
CA ALA A 63 -11.88 -8.75 11.95
CA ALA A 63 -10.47 -7.52 13.15
C ALA A 63 -11.74 -10.27 12.08
C ALA A 63 -11.20 -7.65 11.82
N PRO A 64 -12.73 -10.90 12.64
N PRO A 64 -10.61 -8.32 10.88
CA PRO A 64 -13.06 -12.29 12.30
CA PRO A 64 -11.33 -8.73 9.66
C PRO A 64 -13.66 -12.23 10.88
C PRO A 64 -12.44 -9.75 10.01
N ALA A 65 -13.34 -13.21 10.08
N ALA A 65 -13.07 -10.33 9.02
CA ALA A 65 -13.85 -13.26 8.68
CA ALA A 65 -14.14 -11.32 9.34
C ALA A 65 -14.33 -14.69 8.41
C ALA A 65 -13.55 -12.72 9.25
N THR A 66 -15.43 -15.08 8.97
N THR A 66 -14.25 -13.64 9.82
CA THR A 66 -15.91 -16.46 8.73
CA THR A 66 -13.80 -15.05 9.84
C THR A 66 -16.35 -16.77 7.28
C THR A 66 -14.47 -15.85 8.71
N ASP A 67 -15.94 -16.01 6.32
N ASP A 67 -14.48 -15.28 7.56
CA ASP A 67 -16.35 -16.32 4.91
CA ASP A 67 -15.09 -15.93 6.36
C ASP A 67 -15.19 -15.99 4.01
C ASP A 67 -14.02 -15.77 5.30
N GLY A 68 -14.03 -16.42 4.43
N GLY A 68 -14.27 -16.19 4.10
CA GLY A 68 -12.76 -16.17 3.66
CA GLY A 68 -13.19 -16.02 3.06
C GLY A 68 -12.73 -14.83 2.87
C GLY A 68 -13.08 -14.61 2.52
N SER A 69 -12.90 -13.75 3.58
N SER A 69 -13.05 -13.63 3.38
CA SER A 69 -12.89 -12.40 2.93
CA SER A 69 -12.93 -12.25 2.87
C SER A 69 -11.46 -11.82 3.08
C SER A 69 -11.49 -11.79 3.11
N GLY A 70 -11.16 -10.74 2.40
CA GLY A 70 -9.82 -10.17 2.51
C GLY A 70 -9.94 -9.13 3.63
N THR A 71 -8.83 -8.65 4.09
CA THR A 71 -8.74 -7.62 5.16
C THR A 71 -8.56 -6.27 4.42
N ALA A 72 -9.33 -5.29 4.73
CA ALA A 72 -9.20 -3.97 4.04
C ALA A 72 -8.06 -3.21 4.68
N LEU A 73 -7.34 -2.48 3.85
CA LEU A 73 -6.19 -1.68 4.33
C LEU A 73 -5.84 -0.61 3.34
N GLY A 74 -4.98 0.26 3.76
CA GLY A 74 -4.50 1.40 2.89
C GLY A 74 -3.22 2.06 3.48
N TRP A 75 -2.43 2.73 2.66
CA TRP A 75 -1.20 3.42 3.14
C TRP A 75 -0.92 4.62 2.18
N THR A 76 -0.07 5.46 2.69
CA THR A 76 0.40 6.71 2.01
C THR A 76 1.93 6.83 2.00
N VAL A 77 2.44 7.36 0.95
CA VAL A 77 3.87 7.58 0.79
C VAL A 77 3.96 8.99 0.13
N ALA A 78 4.77 9.86 0.67
CA ALA A 78 4.99 11.27 0.10
C ALA A 78 6.39 11.00 -0.58
N TRP A 79 6.48 11.41 -1.82
CA TRP A 79 7.74 11.18 -2.60
C TRP A 79 8.91 12.16 -2.37
N LYS A 80 9.24 12.26 -1.12
CA LYS A 80 10.32 13.11 -0.66
C LYS A 80 11.18 12.35 0.34
N ASN A 81 12.43 12.39 0.04
CA ASN A 81 13.49 11.74 0.88
C ASN A 81 14.79 12.62 0.79
N ASN A 82 15.99 12.11 0.99
CA ASN A 82 17.21 13.04 0.90
C ASN A 82 17.92 13.05 -0.44
N TYR A 83 17.21 12.56 -1.39
CA TYR A 83 17.71 12.46 -2.77
C TYR A 83 16.72 13.00 -3.74
N ARG A 84 15.47 13.04 -3.36
CA ARG A 84 14.49 13.55 -4.33
C ARG A 84 13.27 14.09 -3.65
N ASN A 85 12.74 15.10 -4.25
CA ASN A 85 11.54 15.79 -3.80
C ASN A 85 10.68 16.00 -5.06
N ALA A 86 9.80 15.06 -5.26
CA ALA A 86 8.86 15.02 -6.40
C ALA A 86 7.58 15.84 -6.23
N HIS A 87 7.38 16.42 -5.07
CA HIS A 87 6.18 17.26 -4.80
C HIS A 87 4.87 16.48 -5.07
N SER A 88 4.83 15.31 -4.53
CA SER A 88 3.62 14.48 -4.76
C SER A 88 3.50 13.40 -3.69
N ALA A 89 2.35 12.80 -3.62
CA ALA A 89 2.07 11.70 -2.64
C ALA A 89 1.10 10.70 -3.30
N THR A 90 1.25 9.47 -2.93
CA THR A 90 0.38 8.40 -3.45
C THR A 90 -0.30 7.66 -2.30
N THR A 91 -1.54 7.24 -2.45
CA THR A 91 -2.24 6.47 -1.37
C THR A 91 -2.72 5.23 -2.06
N TRP A 92 -2.59 4.13 -1.42
CA TRP A 92 -3.04 2.84 -2.01
C TRP A 92 -4.19 2.36 -1.10
N SER A 93 -5.26 1.92 -1.70
CA SER A 93 -6.47 1.40 -0.95
C SER A 93 -6.73 -0.07 -1.48
N GLY A 94 -6.93 -1.05 -0.65
CA GLY A 94 -7.16 -2.43 -1.17
C GLY A 94 -7.37 -3.42 -0.05
N GLN A 95 -7.17 -4.66 -0.37
CA GLN A 95 -7.34 -5.71 0.65
C GLN A 95 -6.29 -6.79 0.50
N TYR A 96 -6.01 -7.37 1.60
CA TYR A 96 -5.03 -8.45 1.73
C TYR A 96 -5.79 -9.77 1.73
N VAL A 97 -5.24 -10.72 1.06
CA VAL A 97 -5.80 -12.09 0.93
C VAL A 97 -4.60 -12.96 1.33
N GLY A 98 -4.79 -13.80 2.29
CA GLY A 98 -3.65 -14.67 2.74
C GLY A 98 -3.75 -16.07 2.06
N GLY A 99 -3.01 -17.03 2.52
CA GLY A 99 -3.11 -18.37 1.87
C GLY A 99 -1.82 -18.69 1.14
N ALA A 100 -1.84 -19.75 0.38
CA ALA A 100 -0.63 -20.16 -0.39
C ALA A 100 -0.05 -19.00 -1.21
N GLU A 101 -0.93 -18.45 -1.96
CA GLU A 101 -0.64 -17.30 -2.86
C GLU A 101 -1.38 -16.07 -2.36
N ALA A 102 -0.82 -15.57 -1.32
CA ALA A 102 -1.34 -14.37 -0.63
C ALA A 102 -1.00 -13.17 -1.49
N ARG A 103 -1.81 -12.15 -1.42
CA ARG A 103 -1.54 -10.94 -2.24
C ARG A 103 -2.33 -9.77 -1.67
N ILE A 104 -1.99 -8.60 -2.16
CA ILE A 104 -2.68 -7.37 -1.73
C ILE A 104 -3.04 -6.80 -3.10
N ASN A 105 -4.31 -6.57 -3.23
CA ASN A 105 -4.84 -6.02 -4.48
C ASN A 105 -5.24 -4.60 -4.14
N THR A 106 -4.75 -3.67 -4.86
CA THR A 106 -5.05 -2.25 -4.62
C THR A 106 -5.34 -1.45 -5.92
N GLN A 107 -5.80 -0.27 -5.67
CA GLN A 107 -6.12 0.77 -6.69
C GLN A 107 -5.36 1.97 -5.95
N TRP A 108 -4.73 2.85 -6.66
CA TRP A 108 -3.98 4.00 -6.02
C TRP A 108 -4.29 5.30 -6.66
N LEU A 109 -4.05 6.31 -5.87
CA LEU A 109 -4.28 7.73 -6.33
C LEU A 109 -2.95 8.47 -6.11
N LEU A 110 -2.45 9.08 -7.16
CA LEU A 110 -1.13 9.86 -7.07
C LEU A 110 -1.49 11.34 -7.34
N THR A 111 -1.34 12.18 -6.33
CA THR A 111 -1.66 13.61 -6.51
C THR A 111 -0.36 14.47 -6.48
N SER A 112 -0.30 15.40 -7.41
CA SER A 112 0.86 16.31 -7.51
C SER A 112 0.40 17.72 -7.07
N GLY A 113 1.33 18.46 -6.53
CA GLY A 113 1.05 19.84 -6.06
C GLY A 113 1.02 20.67 -7.37
N THR A 114 -0.03 21.39 -7.57
CA THR A 114 -0.21 22.21 -8.78
C THR A 114 -0.75 23.57 -8.34
N THR A 115 -0.94 24.38 -9.35
CA THR A 115 -1.48 25.73 -9.20
C THR A 115 -3.01 25.47 -9.31
N GLU A 116 -3.78 26.36 -8.76
CA GLU A 116 -5.27 26.18 -8.81
C GLU A 116 -5.74 25.93 -10.26
N ALA A 117 -5.01 26.52 -11.18
CA ALA A 117 -5.37 26.36 -12.61
C ALA A 117 -5.20 24.95 -13.10
N ASN A 118 -4.24 24.22 -12.58
CA ASN A 118 -4.08 22.82 -13.09
C ASN A 118 -4.43 21.75 -12.09
N ALA A 119 -5.16 22.20 -11.12
CA ALA A 119 -5.57 21.26 -10.06
C ALA A 119 -6.45 20.17 -10.68
N TRP A 120 -7.24 20.52 -11.66
CA TRP A 120 -8.16 19.51 -12.33
C TRP A 120 -7.43 18.34 -12.93
N LYS A 121 -6.16 18.47 -13.11
CA LYS A 121 -5.37 17.36 -13.68
C LYS A 121 -4.25 17.03 -12.68
N SER A 122 -4.54 17.18 -11.42
CA SER A 122 -3.49 16.89 -10.43
C SER A 122 -3.38 15.44 -9.99
N THR A 123 -4.39 14.66 -10.24
CA THR A 123 -4.38 13.22 -9.81
C THR A 123 -4.47 12.12 -10.88
N LEU A 124 -3.59 11.14 -10.78
CA LEU A 124 -3.53 9.97 -11.71
C LEU A 124 -4.08 8.83 -10.85
N VAL A 125 -4.67 7.87 -11.51
CA VAL A 125 -5.25 6.68 -10.81
C VAL A 125 -4.70 5.42 -11.49
N GLY A 126 -4.49 4.39 -10.72
CA GLY A 126 -3.97 3.15 -11.30
C GLY A 126 -4.17 2.02 -10.34
N HIS A 127 -3.62 0.90 -10.68
CA HIS A 127 -3.75 -0.31 -9.80
C HIS A 127 -2.48 -1.13 -9.67
N ASP A 128 -2.25 -1.73 -8.51
CA ASP A 128 -1.03 -2.57 -8.34
C ASP A 128 -1.42 -3.84 -7.56
N THR A 129 -0.75 -4.91 -7.85
CA THR A 129 -0.99 -6.20 -7.17
C THR A 129 0.37 -6.55 -6.63
N PHE A 130 0.41 -6.84 -5.37
CA PHE A 130 1.67 -7.23 -4.63
C PHE A 130 1.73 -8.70 -4.22
N THR A 131 2.85 -9.36 -4.36
CA THR A 131 2.94 -10.77 -3.94
C THR A 131 4.16 -10.84 -3.07
N LYS A 132 4.28 -11.91 -2.36
CA LYS A 132 5.44 -12.10 -1.45
C LYS A 132 6.61 -12.60 -2.27
N VAL A 133 6.32 -12.98 -3.46
CA VAL A 133 7.31 -13.50 -4.41
C VAL A 133 7.40 -12.33 -5.39
N LYS A 134 8.52 -12.23 -6.08
CA LYS A 134 8.65 -11.12 -7.05
C LYS A 134 8.68 -11.79 -8.39
N PRO A 135 7.78 -11.43 -9.27
CA PRO A 135 6.38 -11.00 -8.96
C PRO A 135 5.47 -12.24 -8.75
C ACT B . 6.24 10.94 -8.86
O ACT B . 5.64 12.02 -8.84
OXT ACT B . 6.50 10.38 -9.92
CH3 ACT B . 6.63 10.42 -7.49
H1 ACT B . 6.95 11.25 -6.86
H2 ACT B . 5.77 9.95 -7.03
H3 ACT B . 7.45 9.72 -7.56
S SO4 C . 6.64 6.86 -8.22
O1 SO4 C . 6.21 6.55 -9.54
O2 SO4 C . 6.70 5.66 -7.48
O3 SO4 C . 7.89 7.49 -8.22
O4 SO4 C . 5.66 7.70 -7.68
C1 GLL D . 4.60 2.18 -7.86
O1 GLL D . 5.11 1.32 -7.16
N1 GLL D . 5.17 3.24 -8.36
N2 GLL D . 3.34 2.15 -8.20
C2 GLL D . 4.24 4.10 -9.12
C3 GLL D . 2.87 3.37 -8.96
N1' GLL D . 4.01 5.34 -8.33
N2' GLL D . 2.06 4.43 -8.24
C1' GLL D . 2.81 5.42 -7.82
O1' GLL D . 2.41 6.28 -7.05
HN1 GLL D . 6.12 3.54 -8.26
HN2 GLL D . 2.76 1.38 -8.00
H2 GLL D . 4.57 4.28 -10.14
H3 GLL D . 2.40 3.11 -9.90
HN1' GLL D . 4.77 6.04 -8.23
HN2' GLL D . 1.08 4.41 -8.11
#